data_4P6S
#
_entry.id   4P6S
#
_cell.length_a   78.880
_cell.length_b   81.550
_cell.length_c   84.060
_cell.angle_alpha   90.000
_cell.angle_beta   90.000
_cell.angle_gamma   90.000
#
_symmetry.space_group_name_H-M   'P 21 21 21'
#
loop_
_entity.id
_entity.type
_entity.pdbx_description
1 polymer Tyrosinase
2 non-polymer 'ZINC ION'
3 non-polymer 3,4-DIHYDROXYPHENYLALANINE
4 water water
#
_entity_poly.entity_id   1
_entity_poly.type   'polypeptide(L)'
_entity_poly.pdbx_seq_one_letter_code
;KYRVRKNVLHLTDTEKRDFVRTVLILKEKGIYDRYIAWHGAAGKFHTPPGSDRNAAHMSSAFLPWHREYLLRFERDLQSI
NPEVTLPYWEWETDAQMQDPSQSQIWSADFMGGNGNPIKDFIVDTGPFAAGRWTTIDEQGNPSGGLKRNFGATKEAPTLP
TRDDVLNALKITQYDTPPWDMTSQNSFRNQLEGFINGPQLHNRVHRWVGGQMGVVPTAPNDPVFFLHHANVDRIWAVWQI
IHRNQNYQPMKNGPFGQNFRDPMYPWNTTPEDVMNHRKLGYVYDIEL
;
_entity_poly.pdbx_strand_id   A,B
#
# COMPACT_ATOMS: atom_id res chain seq x y z
N TYR A 2 -15.20 -8.51 -26.05
CA TYR A 2 -14.61 -7.64 -25.04
C TYR A 2 -13.18 -7.25 -25.41
N ARG A 3 -12.54 -6.47 -24.54
CA ARG A 3 -11.19 -6.03 -24.77
C ARG A 3 -10.36 -7.26 -25.12
N VAL A 4 -9.54 -7.14 -26.17
CA VAL A 4 -8.69 -8.27 -26.55
C VAL A 4 -7.23 -8.04 -26.18
N ARG A 5 -6.69 -8.95 -25.39
CA ARG A 5 -5.26 -8.92 -25.10
C ARG A 5 -4.47 -9.81 -26.08
N LYS A 6 -3.57 -9.20 -26.82
CA LYS A 6 -2.87 -9.85 -27.92
C LYS A 6 -1.44 -10.23 -27.63
N ASN A 7 -1.00 -11.34 -28.20
CA ASN A 7 0.40 -11.72 -28.25
C ASN A 7 1.22 -10.53 -28.73
N VAL A 8 2.30 -10.22 -28.02
CA VAL A 8 3.22 -9.18 -28.46
C VAL A 8 3.63 -9.37 -29.94
N LEU A 9 3.88 -10.58 -30.36
CA LEU A 9 4.30 -10.83 -31.72
C LEU A 9 3.26 -10.53 -32.80
N HIS A 10 2.01 -10.31 -32.42
CA HIS A 10 0.99 -9.99 -33.39
C HIS A 10 0.59 -8.55 -33.41
N LEU A 11 1.22 -7.73 -32.57
CA LEU A 11 0.93 -6.31 -32.52
C LEU A 11 1.42 -5.58 -33.76
N THR A 12 0.65 -4.64 -34.25
CA THR A 12 1.14 -3.75 -35.30
C THR A 12 2.19 -2.81 -34.74
N ASP A 13 3.02 -2.28 -35.61
CA ASP A 13 4.01 -1.31 -35.18
C ASP A 13 3.34 -0.11 -34.53
N THR A 14 2.14 0.20 -35.00
CA THR A 14 1.32 1.28 -34.46
C THR A 14 0.69 0.97 -33.11
N GLU A 15 0.22 -0.28 -32.94
CA GLU A 15 -0.28 -0.74 -31.64
C GLU A 15 0.86 -0.71 -30.64
N LYS A 16 2.03 -1.10 -31.13
CA LYS A 16 3.27 -1.12 -30.35
C LYS A 16 3.58 0.29 -29.85
N ARG A 17 3.79 1.21 -30.79
CA ARG A 17 4.11 2.59 -30.48
C ARG A 17 3.11 3.21 -29.51
N ASP A 18 1.83 2.91 -29.68
CA ASP A 18 0.80 3.47 -28.80
C ASP A 18 0.89 2.97 -27.36
N PHE A 19 1.22 1.69 -27.18
CA PHE A 19 1.42 1.11 -25.86
C PHE A 19 2.62 1.72 -25.13
N VAL A 20 3.76 1.78 -25.81
CA VAL A 20 4.96 2.39 -25.23
C VAL A 20 4.63 3.82 -24.84
N ARG A 21 4.07 4.56 -25.75
CA ARG A 21 3.71 5.93 -25.52
C ARG A 21 2.74 6.09 -24.37
N THR A 22 1.80 5.17 -24.23
CA THR A 22 0.86 5.26 -23.13
C THR A 22 1.56 4.93 -21.80
N VAL A 23 2.51 4.00 -21.81
CA VAL A 23 3.29 3.72 -20.61
C VAL A 23 4.14 4.93 -20.20
N LEU A 24 4.65 5.66 -21.18
CA LEU A 24 5.48 6.83 -20.87
C LEU A 24 4.65 7.94 -20.21
N ILE A 25 3.44 8.14 -20.71
CA ILE A 25 2.51 9.12 -20.14
C ILE A 25 2.10 8.77 -18.70
N LEU A 26 1.90 7.49 -18.43
CA LEU A 26 1.65 7.03 -17.10
C LEU A 26 2.80 7.28 -16.15
N LYS A 27 4.01 7.06 -16.61
CA LYS A 27 5.20 7.37 -15.82
C LYS A 27 5.28 8.86 -15.52
N GLU A 28 5.17 9.67 -16.57
CA GLU A 28 5.27 11.12 -16.47
C GLU A 28 4.28 11.72 -15.46
N LYS A 29 3.10 11.12 -15.39
CA LYS A 29 2.01 11.60 -14.51
C LYS A 29 2.23 11.27 -13.03
N GLY A 30 2.95 10.20 -12.75
CA GLY A 30 3.18 9.80 -11.37
C GLY A 30 2.33 8.59 -11.04
N ILE A 31 1.63 8.10 -12.06
CA ILE A 31 0.73 6.98 -11.88
C ILE A 31 1.48 5.65 -11.89
N TYR A 32 2.45 5.50 -12.78
CA TYR A 32 3.23 4.27 -12.90
C TYR A 32 3.89 3.89 -11.56
N ASP A 33 4.37 4.88 -10.85
CA ASP A 33 5.04 4.61 -9.60
C ASP A 33 4.12 3.98 -8.54
N ARG A 34 2.83 4.28 -8.59
CA ARG A 34 1.84 3.64 -7.73
C ARG A 34 1.96 2.13 -7.83
N TYR A 35 2.15 1.63 -9.05
CA TYR A 35 2.26 0.18 -9.29
C TYR A 35 3.53 -0.41 -8.76
N ILE A 36 4.65 0.30 -8.92
CA ILE A 36 5.89 -0.17 -8.31
C ILE A 36 5.68 -0.27 -6.79
N ALA A 37 5.11 0.79 -6.21
CA ALA A 37 4.92 0.86 -4.76
C ALA A 37 3.98 -0.25 -4.22
N TRP A 38 2.80 -0.37 -4.81
CA TRP A 38 1.82 -1.37 -4.36
C TRP A 38 2.44 -2.76 -4.35
N HIS A 39 3.22 -3.07 -5.37
CA HIS A 39 3.85 -4.37 -5.50
C HIS A 39 4.93 -4.63 -4.48
N GLY A 40 5.76 -3.64 -4.22
CA GLY A 40 6.75 -3.75 -3.17
C GLY A 40 6.07 -3.87 -1.81
N ALA A 41 4.98 -3.11 -1.62
CA ALA A 41 4.28 -3.15 -0.34
C ALA A 41 3.63 -4.51 -0.04
N ALA A 42 3.04 -5.14 -1.06
CA ALA A 42 2.41 -6.45 -0.87
C ALA A 42 3.47 -7.47 -0.56
N GLY A 43 4.67 -7.20 -1.07
CA GLY A 43 5.76 -8.15 -0.96
C GLY A 43 6.25 -8.22 0.47
N LYS A 44 6.07 -7.14 1.20
CA LYS A 44 6.44 -7.06 2.59
C LYS A 44 5.31 -7.43 3.53
N PHE A 45 4.13 -7.66 3.01
CA PHE A 45 2.97 -7.93 3.86
C PHE A 45 2.74 -9.43 4.01
N HIS A 46 3.18 -9.98 5.14
CA HIS A 46 3.16 -11.42 5.36
C HIS A 46 1.86 -11.94 5.99
N THR A 47 1.37 -13.05 5.46
CA THR A 47 0.08 -13.62 5.85
C THR A 47 0.24 -15.06 6.32
N PRO A 48 0.37 -15.28 7.64
CA PRO A 48 0.41 -14.27 8.72
C PRO A 48 1.84 -13.76 8.89
N PRO A 49 2.05 -12.71 9.69
CA PRO A 49 3.37 -12.15 10.04
C PRO A 49 4.32 -13.22 10.60
N GLY A 50 5.58 -13.16 10.20
CA GLY A 50 6.56 -14.17 10.61
C GLY A 50 6.55 -15.40 9.72
N SER A 51 5.68 -15.38 8.73
CA SER A 51 5.61 -16.51 7.79
C SER A 51 6.22 -16.18 6.44
N ASP A 52 6.36 -17.17 5.58
CA ASP A 52 6.99 -16.87 4.30
C ASP A 52 6.00 -16.66 3.15
N ARG A 53 4.70 -16.61 3.44
CA ARG A 53 3.78 -16.13 2.42
C ARG A 53 3.73 -14.61 2.48
N ASN A 54 3.47 -13.96 1.34
CA ASN A 54 3.08 -12.56 1.35
C ASN A 54 1.79 -12.31 0.56
N ALA A 55 1.25 -11.10 0.61
CA ALA A 55 -0.01 -10.86 -0.05
C ALA A 55 0.06 -11.21 -1.54
N ALA A 56 1.20 -10.99 -2.17
CA ALA A 56 1.24 -11.13 -3.63
C ALA A 56 2.05 -12.32 -4.17
N HIS A 57 2.75 -13.04 -3.32
CA HIS A 57 3.64 -14.12 -3.75
C HIS A 57 3.64 -15.25 -2.74
N MET A 58 4.11 -16.40 -3.17
CA MET A 58 4.38 -17.53 -2.29
C MET A 58 3.14 -18.06 -1.59
N SER A 59 2.00 -17.92 -2.25
CA SER A 59 0.75 -18.37 -1.70
C SER A 59 -0.38 -18.31 -2.71
N SER A 60 -1.52 -18.83 -2.32
CA SER A 60 -2.68 -18.91 -3.18
C SER A 60 -3.06 -17.59 -3.84
N ALA A 61 -2.77 -16.45 -3.20
CA ALA A 61 -3.26 -15.18 -3.74
C ALA A 61 -2.41 -14.68 -4.92
N PHE A 62 -1.24 -15.30 -5.10
CA PHE A 62 -0.31 -14.92 -6.17
C PHE A 62 -1.02 -14.63 -7.49
N LEU A 63 -1.90 -15.52 -7.90
CA LEU A 63 -2.56 -15.39 -9.19
C LEU A 63 -3.64 -14.30 -9.27
N PRO A 64 -4.62 -14.31 -8.35
CA PRO A 64 -5.65 -13.26 -8.39
C PRO A 64 -5.05 -11.91 -8.03
N TRP A 65 -4.10 -11.88 -7.12
CA TRP A 65 -3.42 -10.61 -6.82
C TRP A 65 -2.91 -9.94 -8.10
N HIS A 66 -2.13 -10.65 -8.88
CA HIS A 66 -1.62 -10.09 -10.11
C HIS A 66 -2.68 -9.82 -11.20
N ARG A 67 -3.72 -10.66 -11.30
CA ARG A 67 -4.83 -10.37 -12.20
C ARG A 67 -5.42 -9.00 -11.87
N GLU A 68 -5.64 -8.74 -10.56
CA GLU A 68 -6.17 -7.44 -10.14
C GLU A 68 -5.20 -6.29 -10.48
N TYR A 69 -3.93 -6.50 -10.20
CA TYR A 69 -2.87 -5.52 -10.51
C TYR A 69 -2.90 -5.08 -11.97
N LEU A 70 -2.92 -6.07 -12.87
CA LEU A 70 -3.00 -5.88 -14.33
C LEU A 70 -4.28 -5.18 -14.76
N LEU A 71 -5.40 -5.58 -14.16
CA LEU A 71 -6.69 -4.97 -14.48
C LEU A 71 -6.59 -3.48 -14.15
N ARG A 72 -6.10 -3.18 -12.96
CA ARG A 72 -5.99 -1.80 -12.58
C ARG A 72 -5.04 -1.09 -13.52
N PHE A 73 -3.92 -1.74 -13.84
CA PHE A 73 -2.93 -1.10 -14.70
C PHE A 73 -3.56 -0.73 -16.03
N GLU A 74 -4.31 -1.68 -16.58
CA GLU A 74 -4.94 -1.54 -17.87
C GLU A 74 -6.00 -0.44 -17.89
N ARG A 75 -6.82 -0.35 -16.86
CA ARG A 75 -7.77 0.73 -16.82
C ARG A 75 -7.08 2.06 -16.85
N ASP A 76 -6.00 2.19 -16.11
CA ASP A 76 -5.19 3.41 -16.20
C ASP A 76 -4.68 3.63 -17.63
N LEU A 77 -4.18 2.58 -18.27
CA LEU A 77 -3.78 2.70 -19.67
C LEU A 77 -4.92 3.32 -20.49
N GLN A 78 -6.12 2.81 -20.30
CA GLN A 78 -7.24 3.19 -21.14
C GLN A 78 -7.83 4.51 -20.82
N SER A 79 -7.49 5.04 -19.66
CA SER A 79 -7.88 6.40 -19.33
C SER A 79 -7.06 7.39 -20.17
N ILE A 80 -5.87 6.96 -20.58
CA ILE A 80 -5.03 7.79 -21.43
C ILE A 80 -5.42 7.56 -22.89
N ASN A 81 -5.60 6.29 -23.24
CA ASN A 81 -5.90 5.94 -24.62
C ASN A 81 -6.78 4.70 -24.63
N PRO A 82 -8.05 4.86 -25.01
CA PRO A 82 -9.02 3.75 -24.92
C PRO A 82 -8.80 2.65 -25.97
N GLU A 83 -7.91 2.84 -26.93
CA GLU A 83 -7.68 1.76 -27.86
C GLU A 83 -6.57 0.83 -27.39
N VAL A 84 -5.91 1.16 -26.31
CA VAL A 84 -4.82 0.33 -25.82
C VAL A 84 -5.31 -0.78 -24.89
N THR A 85 -4.89 -2.01 -25.15
CA THR A 85 -5.05 -3.10 -24.17
C THR A 85 -3.64 -3.57 -23.76
N LEU A 86 -3.55 -4.35 -22.69
CA LEU A 86 -2.27 -4.91 -22.28
C LEU A 86 -1.93 -6.16 -23.09
N PRO A 87 -0.80 -6.13 -23.81
CA PRO A 87 -0.39 -7.34 -24.54
C PRO A 87 0.29 -8.36 -23.63
N TYR A 88 0.47 -9.59 -24.11
CA TYR A 88 1.25 -10.58 -23.35
C TYR A 88 2.52 -11.01 -24.09
N TRP A 89 3.56 -11.30 -23.31
CA TRP A 89 4.81 -11.83 -23.83
C TRP A 89 4.80 -13.35 -23.76
N GLU A 90 4.75 -14.02 -24.92
CA GLU A 90 4.66 -15.47 -24.93
C GLU A 90 6.04 -16.10 -24.86
N TRP A 91 6.64 -16.08 -23.69
CA TRP A 91 8.03 -16.48 -23.58
C TRP A 91 8.31 -17.92 -23.98
N GLU A 92 7.30 -18.78 -23.94
CA GLU A 92 7.54 -20.19 -24.27
C GLU A 92 7.81 -20.36 -25.76
N THR A 93 7.42 -19.40 -26.57
CA THR A 93 7.82 -19.44 -27.94
C THR A 93 9.22 -18.89 -28.18
N ASP A 94 9.57 -17.81 -27.50
CA ASP A 94 10.93 -17.25 -27.54
C ASP A 94 11.99 -18.26 -27.11
N ALA A 95 11.65 -19.04 -26.09
CA ALA A 95 12.46 -20.18 -25.65
C ALA A 95 12.80 -21.11 -26.82
N GLN A 96 11.99 -21.09 -27.88
CA GLN A 96 12.27 -21.90 -29.06
C GLN A 96 13.43 -21.35 -29.89
N MET A 97 13.45 -20.03 -30.07
CA MET A 97 14.50 -19.34 -30.81
C MET A 97 15.88 -19.80 -30.42
N GLN A 98 16.75 -19.85 -31.42
CA GLN A 98 18.17 -20.07 -31.25
C GLN A 98 18.66 -19.12 -30.18
N ASP A 99 18.56 -17.83 -30.47
CA ASP A 99 18.97 -16.77 -29.52
C ASP A 99 17.75 -15.97 -29.02
N PRO A 100 17.22 -16.37 -27.87
CA PRO A 100 16.06 -15.70 -27.28
C PRO A 100 16.25 -14.18 -27.24
N SER A 101 17.47 -13.74 -26.96
CA SER A 101 17.78 -12.32 -26.88
C SER A 101 17.65 -11.65 -28.25
N GLN A 102 17.10 -12.40 -29.21
CA GLN A 102 16.93 -11.88 -30.56
C GLN A 102 15.45 -11.58 -30.85
N SER A 103 14.59 -11.91 -29.90
CA SER A 103 13.16 -11.67 -30.05
C SER A 103 12.83 -10.20 -30.31
N GLN A 104 11.86 -9.94 -31.17
CA GLN A 104 11.50 -8.59 -31.49
C GLN A 104 10.86 -7.81 -30.35
N ILE A 105 10.49 -8.50 -29.30
CA ILE A 105 10.03 -7.82 -28.09
C ILE A 105 11.16 -6.91 -27.57
N TRP A 106 12.40 -7.30 -27.82
CA TRP A 106 13.53 -6.50 -27.36
C TRP A 106 14.02 -5.46 -28.37
N SER A 107 13.21 -5.20 -29.39
CA SER A 107 13.52 -4.20 -30.40
C SER A 107 13.55 -2.77 -29.86
N ALA A 108 14.30 -1.90 -30.53
CA ALA A 108 14.41 -0.51 -30.11
C ALA A 108 13.06 0.22 -30.11
N ASP A 109 12.11 -0.30 -30.83
CA ASP A 109 10.83 0.33 -30.94
C ASP A 109 9.85 -0.11 -29.83
N PHE A 110 10.25 -1.09 -29.06
CA PHE A 110 9.36 -1.66 -28.06
C PHE A 110 9.84 -1.67 -26.61
N MET A 111 10.49 -2.74 -26.18
CA MET A 111 10.94 -2.85 -24.80
C MET A 111 12.38 -2.39 -24.74
N GLY A 112 13.06 -2.35 -25.88
CA GLY A 112 14.50 -2.07 -25.90
C GLY A 112 15.29 -3.32 -25.49
N GLY A 113 16.61 -3.18 -25.40
CA GLY A 113 17.49 -4.36 -25.38
C GLY A 113 18.07 -4.85 -24.07
N ASN A 114 19.01 -5.77 -24.19
CA ASN A 114 19.74 -6.31 -23.04
C ASN A 114 20.58 -5.19 -22.43
N GLY A 115 21.09 -5.40 -21.24
CA GLY A 115 21.94 -4.40 -20.61
C GLY A 115 23.36 -4.36 -21.16
N ASN A 116 24.01 -3.20 -20.98
CA ASN A 116 25.40 -3.00 -21.41
C ASN A 116 26.37 -3.37 -20.31
N PRO A 117 27.12 -4.47 -20.49
CA PRO A 117 28.00 -4.98 -19.42
C PRO A 117 29.16 -4.07 -19.01
N ILE A 118 29.42 -3.02 -19.76
CA ILE A 118 30.46 -2.09 -19.43
C ILE A 118 29.92 -0.99 -18.55
N LYS A 119 28.59 -0.93 -18.46
CA LYS A 119 27.93 0.10 -17.66
C LYS A 119 27.15 -0.52 -16.50
N ASP A 120 27.53 -1.73 -16.10
CA ASP A 120 26.86 -2.42 -15.00
C ASP A 120 25.49 -2.94 -15.42
N PHE A 121 25.35 -3.26 -16.70
CA PHE A 121 24.10 -3.78 -17.24
C PHE A 121 22.98 -2.77 -17.33
N ILE A 122 23.31 -1.49 -17.24
CA ILE A 122 22.38 -0.47 -17.63
C ILE A 122 21.95 -0.74 -19.08
N VAL A 123 20.66 -0.58 -19.34
CA VAL A 123 20.02 -0.68 -20.65
C VAL A 123 20.16 0.66 -21.38
N ASP A 124 20.68 0.66 -22.59
CA ASP A 124 20.83 1.92 -23.29
C ASP A 124 20.26 1.97 -24.71
N THR A 125 19.54 0.94 -25.09
CA THR A 125 18.69 1.01 -26.27
C THR A 125 17.20 1.04 -25.86
N GLY A 126 16.35 1.56 -26.73
CA GLY A 126 14.91 1.53 -26.49
C GLY A 126 14.39 2.71 -25.69
N PRO A 127 13.05 2.79 -25.53
CA PRO A 127 12.29 3.88 -24.91
C PRO A 127 12.49 4.00 -23.41
N PHE A 128 13.08 2.96 -22.81
CA PHE A 128 13.24 2.90 -21.37
C PHE A 128 14.70 2.91 -20.93
N ALA A 129 15.58 3.28 -21.86
CA ALA A 129 17.01 3.36 -21.55
C ALA A 129 17.22 4.41 -20.46
N ALA A 130 18.30 4.29 -19.70
CA ALA A 130 18.59 5.29 -18.68
C ALA A 130 18.67 6.67 -19.34
N GLY A 131 18.13 7.68 -18.67
CA GLY A 131 18.06 9.01 -19.23
C GLY A 131 16.73 9.25 -19.96
N ARG A 132 15.95 8.19 -20.13
CA ARG A 132 14.66 8.34 -20.77
C ARG A 132 13.55 7.83 -19.86
N TRP A 133 13.97 7.16 -18.79
CA TRP A 133 13.07 6.40 -17.95
C TRP A 133 13.72 6.27 -16.58
N THR A 134 13.13 6.92 -15.58
CA THR A 134 13.73 6.94 -14.27
C THR A 134 13.12 5.87 -13.38
N THR A 135 13.96 4.95 -12.93
CA THR A 135 13.53 3.83 -12.11
C THR A 135 13.61 4.28 -10.66
N ILE A 136 12.98 3.52 -9.77
CA ILE A 136 12.96 3.84 -8.35
C ILE A 136 13.46 2.66 -7.51
N ASP A 137 14.43 2.94 -6.63
CA ASP A 137 14.99 1.91 -5.77
C ASP A 137 13.94 1.42 -4.76
N GLU A 138 14.30 0.39 -4.02
CA GLU A 138 13.42 -0.19 -3.02
C GLU A 138 12.85 0.85 -2.04
N GLN A 139 13.57 1.94 -1.81
CA GLN A 139 13.12 2.95 -0.82
C GLN A 139 12.01 3.96 -1.25
N GLY A 140 11.83 4.09 -2.56
CA GLY A 140 10.97 4.99 -3.29
C GLY A 140 11.65 6.21 -3.87
N ASN A 141 12.98 6.14 -4.01
CA ASN A 141 13.78 7.22 -4.61
C ASN A 141 14.43 6.82 -5.94
N PRO A 142 14.76 7.80 -6.80
CA PRO A 142 15.35 7.49 -8.12
C PRO A 142 16.61 6.62 -8.01
N SER A 143 16.80 5.69 -8.95
CA SER A 143 17.80 4.64 -8.86
C SER A 143 18.88 4.66 -9.95
N GLY A 144 18.72 5.46 -10.97
CA GLY A 144 19.79 5.56 -11.95
C GLY A 144 19.64 4.80 -13.26
N GLY A 145 18.58 4.04 -13.44
CA GLY A 145 18.32 3.44 -14.75
C GLY A 145 17.98 1.96 -14.78
N LEU A 146 17.17 1.61 -15.76
CA LEU A 146 16.81 0.21 -15.97
C LEU A 146 18.06 -0.64 -16.28
N LYS A 147 18.12 -1.82 -15.66
CA LYS A 147 19.14 -2.82 -15.96
C LYS A 147 18.51 -4.15 -16.41
N ARG A 148 19.22 -4.87 -17.27
CA ARG A 148 18.83 -6.21 -17.69
C ARG A 148 20.08 -7.00 -17.99
N ASN A 149 20.02 -8.31 -17.76
CA ASN A 149 21.15 -9.18 -18.09
C ASN A 149 20.70 -10.58 -18.49
N PHE A 150 20.20 -10.71 -19.73
CA PHE A 150 19.46 -11.92 -20.20
C PHE A 150 20.24 -13.21 -20.01
N GLY A 151 19.63 -14.17 -19.33
CA GLY A 151 20.19 -15.50 -19.21
C GLY A 151 21.49 -15.66 -18.45
N ALA A 152 21.96 -14.59 -17.80
CA ALA A 152 23.25 -14.62 -17.11
C ALA A 152 23.21 -15.35 -15.77
N THR A 153 22.09 -15.29 -15.07
CA THR A 153 21.95 -16.04 -13.82
C THR A 153 22.08 -17.52 -14.09
N LYS A 154 23.02 -18.16 -13.42
CA LYS A 154 23.39 -19.51 -13.78
C LYS A 154 22.33 -20.55 -13.47
N GLU A 155 21.39 -20.23 -12.58
CA GLU A 155 20.28 -21.14 -12.31
C GLU A 155 19.08 -20.95 -13.22
N ALA A 156 19.06 -19.84 -13.93
CA ALA A 156 17.97 -19.56 -14.89
C ALA A 156 18.50 -19.15 -16.25
N PRO A 157 19.28 -20.02 -16.90
CA PRO A 157 19.92 -19.63 -18.15
C PRO A 157 18.96 -19.62 -19.33
N THR A 158 17.82 -20.30 -19.21
CA THR A 158 16.85 -20.42 -20.31
C THR A 158 15.43 -20.04 -19.89
N LEU A 159 14.62 -19.64 -20.88
CA LEU A 159 13.20 -19.38 -20.64
C LEU A 159 12.42 -20.68 -20.52
N PRO A 160 11.24 -20.62 -19.89
CA PRO A 160 10.43 -21.84 -19.82
C PRO A 160 9.97 -22.27 -21.19
N THR A 161 9.77 -23.58 -21.37
CA THR A 161 9.38 -24.15 -22.66
C THR A 161 7.87 -24.34 -22.74
N ARG A 162 7.38 -24.61 -23.95
CA ARG A 162 5.97 -24.91 -24.13
C ARG A 162 5.60 -26.13 -23.28
N ASP A 163 6.52 -27.09 -23.21
CA ASP A 163 6.28 -28.30 -22.44
C ASP A 163 6.10 -27.99 -20.95
N ASP A 164 6.83 -27.00 -20.47
CA ASP A 164 6.69 -26.57 -19.08
C ASP A 164 5.25 -26.09 -18.82
N VAL A 165 4.75 -25.26 -19.72
CA VAL A 165 3.39 -24.75 -19.65
C VAL A 165 2.36 -25.89 -19.75
N LEU A 166 2.56 -26.79 -20.71
CA LEU A 166 1.67 -27.94 -20.88
C LEU A 166 1.62 -28.85 -19.65
N ASN A 167 2.79 -29.12 -19.09
CA ASN A 167 2.83 -29.92 -17.87
C ASN A 167 2.11 -29.25 -16.70
N ALA A 168 2.14 -27.92 -16.66
CA ALA A 168 1.47 -27.22 -15.57
C ALA A 168 -0.03 -27.28 -15.77
N LEU A 169 -0.45 -27.27 -17.03
CA LEU A 169 -1.86 -27.25 -17.37
C LEU A 169 -2.58 -28.54 -17.00
N LYS A 170 -1.82 -29.57 -16.71
CA LYS A 170 -2.32 -30.89 -16.34
C LYS A 170 -2.65 -31.05 -14.86
N ILE A 171 -2.08 -30.22 -14.02
CA ILE A 171 -2.36 -30.27 -12.57
C ILE A 171 -3.83 -29.94 -12.33
N THR A 172 -4.54 -30.81 -11.62
CA THR A 172 -5.99 -30.64 -11.46
C THR A 172 -6.37 -29.69 -10.32
N GLN A 173 -5.44 -29.47 -9.54
CA GLN A 173 -5.76 -28.63 -8.39
C GLN A 173 -5.19 -27.23 -8.51
N TYR A 174 -6.07 -26.32 -8.07
CA TYR A 174 -5.61 -24.95 -8.05
C TYR A 174 -4.42 -24.81 -7.09
N ASP A 175 -4.59 -25.27 -5.85
CA ASP A 175 -3.52 -25.18 -4.87
C ASP A 175 -3.78 -26.16 -3.74
N THR A 176 -2.78 -26.44 -2.94
CA THR A 176 -2.92 -27.38 -1.83
C THR A 176 -2.32 -26.78 -0.52
N PRO A 177 -2.67 -27.36 0.62
CA PRO A 177 -2.02 -26.96 1.87
C PRO A 177 -0.56 -27.36 1.84
N PRO A 178 0.33 -26.62 2.51
CA PRO A 178 -0.03 -25.49 3.37
C PRO A 178 -0.07 -24.15 2.64
N TRP A 179 -0.43 -24.16 1.37
CA TRP A 179 -0.68 -22.92 0.62
C TRP A 179 0.55 -22.02 0.61
N ASP A 180 1.69 -22.58 0.23
CA ASP A 180 2.92 -21.81 0.18
C ASP A 180 3.91 -22.41 -0.82
N MET A 181 5.16 -22.04 -0.68
CA MET A 181 6.13 -22.38 -1.70
C MET A 181 6.49 -23.88 -1.68
N THR A 182 6.02 -24.58 -0.64
CA THR A 182 6.23 -26.03 -0.54
C THR A 182 5.01 -26.82 -1.02
N SER A 183 3.95 -26.13 -1.46
CA SER A 183 2.74 -26.83 -1.94
C SER A 183 3.05 -27.76 -3.11
N GLN A 184 2.55 -28.98 -3.02
CA GLN A 184 2.72 -30.00 -4.04
C GLN A 184 1.45 -30.26 -4.82
N ASN A 185 1.60 -30.77 -6.02
CA ASN A 185 0.50 -31.01 -6.91
C ASN A 185 -0.43 -29.83 -6.99
N SER A 186 0.14 -28.65 -7.14
CA SER A 186 -0.55 -27.38 -7.03
C SER A 186 -0.35 -26.59 -8.31
N PHE A 187 -1.43 -26.24 -9.00
CA PHE A 187 -1.26 -25.48 -10.23
C PHE A 187 -0.63 -24.11 -9.95
N ARG A 188 -1.12 -23.48 -8.89
CA ARG A 188 -0.61 -22.18 -8.42
C ARG A 188 0.91 -22.17 -8.17
N ASN A 189 1.41 -23.11 -7.36
CA ASN A 189 2.83 -23.14 -6.98
C ASN A 189 3.76 -23.52 -8.16
N GLN A 190 3.24 -24.31 -9.07
CA GLN A 190 3.96 -24.64 -10.28
C GLN A 190 4.04 -23.54 -11.27
N LEU A 191 2.92 -22.89 -11.54
CA LEU A 191 2.94 -21.75 -12.46
C LEU A 191 3.76 -20.62 -11.85
N GLU A 192 3.66 -20.45 -10.53
CA GLU A 192 4.46 -19.43 -9.87
C GLU A 192 5.92 -19.82 -10.01
N GLY A 193 6.23 -21.10 -9.84
CA GLY A 193 7.55 -21.58 -10.18
C GLY A 193 8.41 -22.14 -9.07
N PHE A 194 7.81 -22.46 -7.94
CA PHE A 194 8.59 -23.01 -6.83
C PHE A 194 8.65 -24.54 -6.85
N ILE A 195 7.91 -25.17 -7.74
CA ILE A 195 7.88 -26.62 -7.85
C ILE A 195 9.13 -27.13 -8.56
N ASN A 196 10.26 -27.11 -7.85
CA ASN A 196 11.52 -27.58 -8.41
C ASN A 196 12.04 -26.65 -9.50
N GLY A 197 12.07 -25.35 -9.20
CA GLY A 197 12.56 -24.37 -10.16
C GLY A 197 13.93 -23.82 -9.80
N PRO A 198 14.10 -22.52 -9.97
CA PRO A 198 13.04 -21.66 -10.47
C PRO A 198 12.51 -22.13 -11.83
N GLN A 199 11.20 -22.19 -11.95
CA GLN A 199 10.56 -22.53 -13.21
C GLN A 199 9.56 -21.45 -13.60
N LEU A 200 8.98 -21.59 -14.78
CA LEU A 200 7.92 -20.70 -15.25
C LEU A 200 8.03 -19.26 -14.78
N HIS A 201 7.07 -18.80 -13.98
CA HIS A 201 7.01 -17.39 -13.58
C HIS A 201 8.29 -16.86 -12.93
N ASN A 202 8.78 -17.55 -11.90
CA ASN A 202 10.04 -17.16 -11.25
C ASN A 202 11.22 -17.15 -12.23
N ARG A 203 11.31 -18.20 -13.03
CA ARG A 203 12.38 -18.37 -13.97
C ARG A 203 12.45 -17.24 -14.96
N VAL A 204 11.32 -16.79 -15.45
CA VAL A 204 11.34 -15.62 -16.33
C VAL A 204 11.93 -14.41 -15.62
N HIS A 205 11.48 -14.13 -14.38
CA HIS A 205 12.04 -13.01 -13.63
C HIS A 205 13.55 -13.12 -13.58
N ARG A 206 14.07 -14.25 -13.14
CA ARG A 206 15.51 -14.44 -13.02
C ARG A 206 16.22 -14.29 -14.35
N TRP A 207 15.67 -14.91 -15.39
CA TRP A 207 16.24 -14.84 -16.73
C TRP A 207 16.49 -13.39 -17.18
N VAL A 208 15.50 -12.53 -16.99
CA VAL A 208 15.62 -11.14 -17.42
C VAL A 208 16.73 -10.39 -16.65
N GLY A 209 16.90 -10.71 -15.36
CA GLY A 209 17.84 -9.99 -14.50
C GLY A 209 17.57 -8.51 -14.30
N GLY A 210 18.55 -7.76 -13.78
CA GLY A 210 18.36 -6.37 -13.42
C GLY A 210 17.22 -6.25 -12.39
N GLN A 211 16.40 -5.20 -12.50
CA GLN A 211 15.28 -5.01 -11.58
C GLN A 211 14.25 -6.16 -11.61
N MET A 212 14.02 -6.75 -12.79
CA MET A 212 13.07 -7.84 -12.94
C MET A 212 13.43 -9.03 -12.09
N GLY A 213 14.71 -9.10 -11.70
CA GLY A 213 15.21 -10.19 -10.90
C GLY A 213 14.89 -10.10 -9.42
N VAL A 214 14.41 -8.96 -8.95
CA VAL A 214 14.07 -8.84 -7.55
C VAL A 214 12.66 -8.33 -7.27
N VAL A 215 11.99 -8.99 -6.33
CA VAL A 215 10.62 -8.63 -5.96
C VAL A 215 10.37 -7.13 -5.79
N PRO A 216 11.05 -6.48 -4.83
CA PRO A 216 10.73 -5.08 -4.56
C PRO A 216 10.96 -4.12 -5.73
N THR A 217 11.77 -4.51 -6.72
CA THR A 217 12.05 -3.58 -7.83
C THR A 217 11.54 -4.04 -9.19
N ALA A 218 11.09 -5.29 -9.26
CA ALA A 218 10.72 -5.88 -10.54
C ALA A 218 9.88 -5.01 -11.49
N PRO A 219 8.83 -4.34 -11.00
CA PRO A 219 7.95 -3.58 -11.91
C PRO A 219 8.54 -2.26 -12.46
N ASN A 220 9.75 -1.90 -12.04
CA ASN A 220 10.49 -0.85 -12.72
C ASN A 220 10.69 -1.13 -14.21
N ASP A 221 10.57 -2.41 -14.61
CA ASP A 221 10.71 -2.79 -16.03
C ASP A 221 9.33 -3.01 -16.60
N PRO A 222 8.93 -2.21 -17.59
CA PRO A 222 7.58 -2.35 -18.14
C PRO A 222 7.27 -3.78 -18.63
N VAL A 223 8.30 -4.56 -18.89
CA VAL A 223 8.08 -5.91 -19.40
C VAL A 223 7.47 -6.80 -18.31
N PHE A 224 7.57 -6.35 -17.05
CA PHE A 224 6.88 -6.96 -15.91
C PHE A 224 5.44 -7.23 -16.30
N PHE A 225 4.81 -6.24 -16.91
CA PHE A 225 3.37 -6.30 -17.16
C PHE A 225 3.05 -7.25 -18.32
N LEU A 226 3.96 -7.29 -19.30
CA LEU A 226 3.88 -8.23 -20.41
C LEU A 226 4.07 -9.66 -19.93
N HIS A 227 5.07 -9.86 -19.08
CA HIS A 227 5.30 -11.17 -18.45
C HIS A 227 4.06 -11.67 -17.72
N HIS A 228 3.47 -10.78 -16.92
CA HIS A 228 2.36 -11.15 -16.05
C HIS A 228 1.04 -11.45 -16.78
N ALA A 229 0.78 -10.72 -17.86
CA ALA A 229 -0.32 -11.00 -18.74
C ALA A 229 -0.24 -12.44 -19.29
N ASN A 230 0.99 -12.93 -19.51
CA ASN A 230 1.18 -14.30 -19.99
C ASN A 230 0.86 -15.33 -18.91
N VAL A 231 1.33 -15.04 -17.69
CA VAL A 231 0.99 -15.85 -16.52
C VAL A 231 -0.54 -15.89 -16.33
N ASP A 232 -1.17 -14.72 -16.40
CA ASP A 232 -2.64 -14.59 -16.31
C ASP A 232 -3.35 -15.40 -17.39
N ARG A 233 -2.83 -15.30 -18.61
CA ARG A 233 -3.34 -16.07 -19.76
C ARG A 233 -3.30 -17.56 -19.47
N ILE A 234 -2.17 -18.03 -18.99
CA ILE A 234 -2.02 -19.45 -18.71
C ILE A 234 -3.02 -19.90 -17.64
N TRP A 235 -3.21 -19.09 -16.61
CA TRP A 235 -4.22 -19.33 -15.59
C TRP A 235 -5.62 -19.33 -16.24
N ALA A 236 -5.89 -18.36 -17.12
CA ALA A 236 -7.20 -18.32 -17.77
C ALA A 236 -7.47 -19.61 -18.58
N VAL A 237 -6.43 -20.16 -19.19
CA VAL A 237 -6.59 -21.37 -19.97
C VAL A 237 -6.82 -22.54 -19.03
N TRP A 238 -6.11 -22.53 -17.90
CA TRP A 238 -6.29 -23.57 -16.88
C TRP A 238 -7.75 -23.61 -16.38
N GLN A 239 -8.38 -22.45 -16.24
CA GLN A 239 -9.73 -22.38 -15.68
C GLN A 239 -10.75 -22.90 -16.68
N ILE A 240 -10.48 -22.66 -17.96
CA ILE A 240 -11.30 -23.13 -19.06
C ILE A 240 -11.29 -24.65 -19.16
N ILE A 241 -10.11 -25.23 -19.01
CA ILE A 241 -9.98 -26.69 -19.03
C ILE A 241 -10.64 -27.39 -17.85
N HIS A 242 -10.19 -27.07 -16.65
CA HIS A 242 -10.78 -27.64 -15.44
C HIS A 242 -11.88 -26.68 -15.00
N ARG A 243 -13.02 -26.74 -15.70
CA ARG A 243 -14.12 -25.83 -15.43
C ARG A 243 -14.77 -26.06 -14.07
N ASN A 244 -14.63 -27.25 -13.53
CA ASN A 244 -15.26 -27.58 -12.25
C ASN A 244 -14.28 -27.42 -11.10
N GLN A 245 -13.04 -27.06 -11.41
CA GLN A 245 -12.06 -26.73 -10.39
C GLN A 245 -12.18 -25.27 -10.02
N ASN A 246 -12.05 -24.98 -8.73
CA ASN A 246 -12.12 -23.60 -8.23
C ASN A 246 -10.93 -23.20 -7.39
N TYR A 247 -10.86 -21.92 -7.09
CA TYR A 247 -9.83 -21.38 -6.22
C TYR A 247 -9.80 -22.14 -4.88
N GLN A 248 -8.62 -22.43 -4.44
CA GLN A 248 -8.39 -22.92 -3.12
C GLN A 248 -7.28 -22.12 -2.47
N PRO A 249 -7.40 -21.94 -1.18
CA PRO A 249 -8.46 -22.37 -0.28
C PRO A 249 -9.70 -21.49 -0.24
N MET A 250 -10.82 -22.10 0.11
CA MET A 250 -12.11 -21.44 0.24
C MET A 250 -12.24 -20.83 1.62
N LYS A 251 -11.63 -21.47 2.61
CA LYS A 251 -11.67 -20.99 3.98
C LYS A 251 -10.68 -21.74 4.86
N ASN A 252 -10.38 -21.16 6.03
CA ASN A 252 -9.44 -21.77 6.96
C ASN A 252 -7.95 -21.54 6.69
N GLY A 253 -7.66 -20.96 5.53
CA GLY A 253 -6.29 -20.67 5.15
C GLY A 253 -5.93 -19.37 5.84
N PRO A 254 -4.73 -18.87 5.59
CA PRO A 254 -4.27 -17.63 6.19
C PRO A 254 -5.15 -16.47 5.75
N PHE A 255 -5.35 -15.50 6.64
CA PHE A 255 -6.19 -14.38 6.29
C PHE A 255 -5.51 -13.58 5.19
N GLY A 256 -6.24 -13.31 4.11
CA GLY A 256 -5.67 -12.67 2.95
C GLY A 256 -5.47 -13.69 1.85
N GLN A 257 -5.60 -14.95 2.22
CA GLN A 257 -5.35 -16.04 1.28
C GLN A 257 -6.64 -16.80 0.85
N ASN A 258 -7.74 -16.59 1.58
CA ASN A 258 -9.00 -17.28 1.27
C ASN A 258 -9.82 -16.60 0.16
N PHE A 259 -10.66 -17.40 -0.48
CA PHE A 259 -11.49 -16.99 -1.61
C PHE A 259 -12.14 -15.61 -1.45
N ARG A 260 -12.60 -15.31 -0.26
CA ARG A 260 -13.30 -14.07 -0.07
C ARG A 260 -12.61 -13.08 0.88
N ASP A 261 -11.31 -13.25 1.11
CA ASP A 261 -10.54 -12.31 1.93
C ASP A 261 -10.11 -11.17 1.03
N PRO A 262 -9.93 -9.97 1.59
CA PRO A 262 -9.36 -8.88 0.82
C PRO A 262 -7.88 -9.11 0.58
N MET A 263 -7.41 -8.76 -0.62
CA MET A 263 -6.00 -8.89 -0.93
C MET A 263 -5.28 -7.55 -0.75
N TYR A 264 -4.45 -7.46 0.29
CA TYR A 264 -3.69 -6.26 0.54
C TYR A 264 -2.83 -5.98 -0.70
N PRO A 265 -2.77 -4.71 -1.14
CA PRO A 265 -3.21 -3.52 -0.41
C PRO A 265 -4.60 -3.02 -0.78
N TRP A 266 -5.44 -3.88 -1.37
CA TRP A 266 -6.76 -3.47 -1.80
C TRP A 266 -7.81 -4.16 -0.93
N ASN A 267 -9.07 -3.92 -1.27
CA ASN A 267 -10.18 -4.67 -0.71
C ASN A 267 -10.68 -5.78 -1.64
N THR A 268 -10.14 -5.80 -2.86
CA THR A 268 -10.50 -6.81 -3.86
C THR A 268 -10.27 -8.24 -3.34
N THR A 269 -11.24 -9.14 -3.50
CA THR A 269 -11.02 -10.53 -3.12
C THR A 269 -10.66 -11.39 -4.35
N PRO A 270 -10.07 -12.58 -4.12
CA PRO A 270 -9.87 -13.49 -5.24
C PRO A 270 -11.18 -13.74 -5.98
N GLU A 271 -12.29 -13.80 -5.25
CA GLU A 271 -13.56 -14.11 -5.90
C GLU A 271 -13.97 -13.03 -6.89
N ASP A 272 -13.63 -11.77 -6.60
CA ASP A 272 -13.91 -10.66 -7.50
C ASP A 272 -13.26 -10.81 -8.87
N VAL A 273 -12.14 -11.52 -8.94
CA VAL A 273 -11.39 -11.64 -10.20
C VAL A 273 -11.32 -13.07 -10.75
N MET A 274 -12.19 -13.95 -10.28
CA MET A 274 -12.14 -15.35 -10.66
C MET A 274 -12.45 -15.55 -12.15
N ASN A 275 -13.35 -14.72 -12.67
CA ASN A 275 -13.78 -14.85 -14.06
C ASN A 275 -13.32 -13.67 -14.90
N HIS A 276 -12.24 -13.85 -15.65
CA HIS A 276 -11.64 -12.72 -16.36
C HIS A 276 -12.54 -12.04 -17.41
N ARG A 277 -13.47 -12.80 -18.01
CA ARG A 277 -14.37 -12.21 -19.00
C ARG A 277 -15.31 -11.16 -18.38
N LYS A 278 -15.66 -11.37 -17.12
CA LYS A 278 -16.51 -10.46 -16.38
C LYS A 278 -15.81 -9.17 -16.00
N LEU A 279 -14.49 -9.23 -15.97
CA LEU A 279 -13.64 -8.07 -15.79
C LEU A 279 -13.55 -7.30 -17.10
N GLY A 280 -14.08 -7.88 -18.18
CA GLY A 280 -14.14 -7.18 -19.46
C GLY A 280 -13.13 -7.54 -20.53
N TYR A 281 -12.29 -8.55 -20.30
CA TYR A 281 -11.25 -8.85 -21.31
C TYR A 281 -11.12 -10.34 -21.66
N VAL A 282 -10.62 -10.60 -22.87
CA VAL A 282 -10.17 -11.93 -23.27
C VAL A 282 -8.81 -11.89 -23.94
N TYR A 283 -8.20 -13.07 -24.02
CA TYR A 283 -6.96 -13.25 -24.72
C TYR A 283 -7.24 -13.75 -26.14
N ASP A 284 -6.54 -13.19 -27.11
CA ASP A 284 -6.74 -13.51 -28.52
C ASP A 284 -6.83 -15.00 -28.84
N ILE A 285 -6.44 -15.85 -27.92
CA ILE A 285 -6.39 -17.27 -28.24
C ILE A 285 -7.67 -18.01 -27.92
N GLU A 286 -8.69 -17.27 -27.51
CA GLU A 286 -9.91 -17.88 -26.96
C GLU A 286 -11.02 -18.19 -27.97
N LEU A 287 -11.19 -17.37 -29.00
CA LEU A 287 -10.31 -16.26 -29.31
C LEU A 287 -10.98 -14.93 -29.04
N LYS B 1 -24.40 12.44 8.71
CA LYS B 1 -24.09 13.37 9.79
C LYS B 1 -24.76 12.90 11.08
N TYR B 2 -24.68 11.60 11.34
CA TYR B 2 -25.38 11.01 12.48
C TYR B 2 -24.45 10.25 13.42
N ARG B 3 -23.61 9.38 12.88
CA ARG B 3 -22.63 8.69 13.72
C ARG B 3 -21.77 9.69 14.49
N VAL B 4 -21.61 9.47 15.80
CA VAL B 4 -21.01 10.48 16.69
C VAL B 4 -19.67 10.07 17.31
N ARG B 5 -18.63 10.87 17.04
CA ARG B 5 -17.32 10.63 17.65
C ARG B 5 -17.20 11.41 18.96
N LYS B 6 -16.99 10.70 20.06
CA LYS B 6 -17.05 11.36 21.37
C LYS B 6 -15.66 11.53 21.99
N ASN B 7 -15.52 12.52 22.85
CA ASN B 7 -14.31 12.72 23.63
C ASN B 7 -14.11 11.50 24.49
N VAL B 8 -12.87 11.03 24.53
CA VAL B 8 -12.49 9.89 25.38
C VAL B 8 -13.04 10.01 26.80
N LEU B 9 -12.90 11.19 27.41
CA LEU B 9 -13.34 11.40 28.80
C LEU B 9 -14.85 11.41 28.96
N HIS B 10 -15.58 11.47 27.85
CA HIS B 10 -17.02 11.41 27.89
C HIS B 10 -17.62 10.04 27.62
N LEU B 11 -16.79 9.03 27.42
CA LEU B 11 -17.27 7.69 27.12
C LEU B 11 -17.71 6.97 28.39
N THR B 12 -18.76 6.16 28.27
CA THR B 12 -19.22 5.35 29.39
C THR B 12 -18.28 4.17 29.52
N ASP B 13 -18.40 3.46 30.62
CA ASP B 13 -17.60 2.29 30.85
C ASP B 13 -17.86 1.26 29.76
N THR B 14 -19.12 1.09 29.40
CA THR B 14 -19.53 0.22 28.33
C THR B 14 -18.83 0.56 27.02
N GLU B 15 -18.72 1.85 26.74
CA GLU B 15 -18.14 2.27 25.46
C GLU B 15 -16.65 1.96 25.39
N LYS B 16 -15.97 2.16 26.50
CA LYS B 16 -14.58 1.90 26.55
C LYS B 16 -14.27 0.44 26.39
N ARG B 17 -15.05 -0.40 27.05
CA ARG B 17 -14.85 -1.83 27.01
C ARG B 17 -15.13 -2.39 25.62
N ASP B 18 -16.10 -1.81 24.95
CA ASP B 18 -16.50 -2.28 23.66
C ASP B 18 -15.57 -1.78 22.57
N PHE B 19 -15.05 -0.58 22.71
CA PHE B 19 -14.04 -0.11 21.76
C PHE B 19 -12.79 -0.98 21.85
N VAL B 20 -12.30 -1.20 23.07
CA VAL B 20 -11.12 -2.03 23.24
C VAL B 20 -11.36 -3.46 22.71
N ARG B 21 -12.55 -3.98 22.97
CA ARG B 21 -12.92 -5.31 22.50
C ARG B 21 -12.89 -5.40 20.98
N THR B 22 -13.36 -4.36 20.31
CA THR B 22 -13.40 -4.34 18.86
C THR B 22 -11.99 -4.29 18.25
N VAL B 23 -11.12 -3.47 18.83
CA VAL B 23 -9.74 -3.36 18.38
C VAL B 23 -8.99 -4.70 18.50
N LEU B 24 -9.23 -5.43 19.59
CA LEU B 24 -8.61 -6.73 19.79
C LEU B 24 -9.08 -7.76 18.77
N ILE B 25 -10.34 -7.68 18.38
CA ILE B 25 -10.87 -8.56 17.36
C ILE B 25 -10.30 -8.19 16.00
N LEU B 26 -10.27 -6.92 15.66
CA LEU B 26 -9.61 -6.50 14.46
C LEU B 26 -8.21 -7.09 14.35
N LYS B 27 -7.46 -7.03 15.44
CA LYS B 27 -6.08 -7.53 15.43
C LYS B 27 -5.99 -9.03 15.17
N GLU B 28 -6.76 -9.79 15.92
CA GLU B 28 -6.82 -11.25 15.81
C GLU B 28 -7.16 -11.70 14.39
N LYS B 29 -8.10 -10.98 13.78
CA LYS B 29 -8.59 -11.31 12.47
C LYS B 29 -7.56 -11.07 11.40
N GLY B 30 -6.63 -10.18 11.66
CA GLY B 30 -5.59 -9.86 10.68
C GLY B 30 -5.83 -8.54 9.98
N ILE B 31 -6.91 -7.85 10.36
CA ILE B 31 -7.31 -6.62 9.69
C ILE B 31 -6.55 -5.39 10.19
N TYR B 32 -6.33 -5.35 11.49
CA TYR B 32 -5.59 -4.25 12.07
C TYR B 32 -4.23 -4.08 11.36
N ASP B 33 -3.55 -5.18 11.08
CA ASP B 33 -2.24 -5.08 10.43
C ASP B 33 -2.28 -4.46 9.03
N ARG B 34 -3.40 -4.59 8.33
CA ARG B 34 -3.57 -3.87 7.06
C ARG B 34 -3.36 -2.36 7.31
N TYR B 35 -3.80 -1.88 8.46
CA TYR B 35 -3.67 -0.45 8.75
C TYR B 35 -2.23 -0.06 9.02
N ILE B 36 -1.50 -0.87 9.77
CA ILE B 36 -0.10 -0.55 10.06
C ILE B 36 0.66 -0.48 8.74
N ALA B 37 0.41 -1.45 7.87
CA ALA B 37 1.13 -1.54 6.58
C ALA B 37 0.81 -0.38 5.63
N TRP B 38 -0.47 -0.08 5.43
CA TRP B 38 -0.87 1.07 4.64
C TRP B 38 -0.12 2.36 5.00
N HIS B 39 -0.17 2.74 6.29
CA HIS B 39 0.54 3.92 6.81
C HIS B 39 2.02 3.85 6.48
N GLY B 40 2.65 2.73 6.81
CA GLY B 40 4.05 2.54 6.44
C GLY B 40 4.29 2.71 4.95
N ALA B 41 3.43 2.06 4.15
CA ALA B 41 3.57 2.10 2.70
C ALA B 41 3.57 3.54 2.16
N ALA B 42 2.66 4.35 2.70
CA ALA B 42 2.48 5.72 2.22
C ALA B 42 3.67 6.57 2.63
N GLY B 43 4.28 6.22 3.76
CA GLY B 43 5.39 6.98 4.30
C GLY B 43 6.55 6.94 3.34
N LYS B 44 6.64 5.87 2.57
CA LYS B 44 7.70 5.65 1.60
C LYS B 44 7.38 6.04 0.18
N PHE B 45 6.20 6.55 -0.05
CA PHE B 45 5.82 6.91 -1.42
C PHE B 45 6.00 8.42 -1.57
N HIS B 46 7.08 8.83 -2.22
CA HIS B 46 7.48 10.23 -2.25
C HIS B 46 6.88 10.98 -3.43
N THR B 47 6.36 12.18 -3.16
CA THR B 47 5.66 12.96 -4.18
C THR B 47 6.32 14.31 -4.45
N PRO B 48 7.26 14.35 -5.43
CA PRO B 48 7.68 13.19 -6.22
C PRO B 48 8.86 12.44 -5.59
N PRO B 49 9.35 11.40 -6.27
CA PRO B 49 10.52 10.65 -5.78
C PRO B 49 11.71 11.57 -5.45
N GLY B 50 12.46 11.24 -4.41
CA GLY B 50 13.55 12.07 -3.95
C GLY B 50 13.09 13.20 -3.03
N SER B 51 11.89 13.68 -3.30
CA SER B 51 11.28 14.78 -2.53
C SER B 51 11.17 14.49 -1.04
N ASP B 52 10.95 15.51 -0.22
CA ASP B 52 10.64 15.31 1.18
C ASP B 52 9.19 15.01 1.45
N ARG B 53 8.33 15.26 0.49
CA ARG B 53 6.93 14.93 0.69
C ARG B 53 6.69 13.44 0.52
N ASN B 54 5.65 12.93 1.18
CA ASN B 54 5.11 11.59 0.91
C ASN B 54 3.57 11.61 0.90
N ALA B 55 2.96 10.50 0.48
CA ALA B 55 1.51 10.44 0.31
C ALA B 55 0.73 10.89 1.55
N ALA B 56 1.28 10.61 2.74
CA ALA B 56 0.49 10.79 3.98
C ALA B 56 1.04 11.85 4.95
N HIS B 57 2.24 12.36 4.67
CA HIS B 57 2.96 13.25 5.60
C HIS B 57 3.70 14.39 4.89
N MET B 58 4.01 15.44 5.66
CA MET B 58 4.85 16.54 5.21
C MET B 58 4.36 17.22 3.94
N SER B 59 3.05 17.25 3.77
CA SER B 59 2.46 17.90 2.61
C SER B 59 0.96 18.03 2.76
N SER B 60 0.32 18.60 1.75
CA SER B 60 -1.10 18.93 1.79
C SER B 60 -2.02 17.76 2.09
N ALA B 61 -1.68 16.56 1.63
CA ALA B 61 -2.56 15.41 1.78
C ALA B 61 -2.50 14.83 3.19
N PHE B 62 -1.67 15.39 4.04
CA PHE B 62 -1.57 14.87 5.40
C PHE B 62 -2.92 14.75 6.09
N LEU B 63 -3.76 15.77 5.91
CA LEU B 63 -5.02 15.81 6.65
C LEU B 63 -6.05 14.89 6.01
N PRO B 64 -6.32 15.09 4.71
CA PRO B 64 -7.27 14.20 4.01
C PRO B 64 -6.84 12.74 4.11
N TRP B 65 -5.54 12.46 4.04
CA TRP B 65 -5.09 11.05 4.06
C TRP B 65 -5.47 10.34 5.36
N HIS B 66 -5.12 10.96 6.48
CA HIS B 66 -5.47 10.43 7.79
C HIS B 66 -7.01 10.44 8.06
N ARG B 67 -7.70 11.40 7.47
CA ARG B 67 -9.16 11.37 7.55
C ARG B 67 -9.72 10.09 6.85
N GLU B 68 -9.27 9.84 5.62
CA GLU B 68 -9.64 8.61 4.90
C GLU B 68 -9.18 7.34 5.67
N TYR B 69 -7.96 7.35 6.16
CA TYR B 69 -7.44 6.28 7.01
C TYR B 69 -8.39 5.97 8.20
N LEU B 70 -8.77 6.99 8.96
CA LEU B 70 -9.69 6.78 10.08
C LEU B 70 -11.05 6.28 9.67
N LEU B 71 -11.57 6.80 8.56
CA LEU B 71 -12.90 6.43 8.08
C LEU B 71 -12.94 4.94 7.75
N ARG B 72 -11.92 4.46 7.05
CA ARG B 72 -11.82 3.03 6.74
C ARG B 72 -11.72 2.25 8.04
N PHE B 73 -10.92 2.75 8.97
CA PHE B 73 -10.75 2.08 10.25
C PHE B 73 -12.10 1.97 11.00
N GLU B 74 -12.84 3.07 11.04
CA GLU B 74 -14.15 3.08 11.70
C GLU B 74 -15.09 2.06 11.06
N ARG B 75 -15.18 2.08 9.73
CA ARG B 75 -16.04 1.14 9.01
C ARG B 75 -15.76 -0.28 9.47
N ASP B 76 -14.49 -0.61 9.64
CA ASP B 76 -14.10 -1.95 10.12
C ASP B 76 -14.49 -2.19 11.61
N LEU B 77 -14.43 -1.15 12.44
CA LEU B 77 -14.88 -1.32 13.80
C LEU B 77 -16.36 -1.69 13.74
N GLN B 78 -17.11 -0.96 12.96
CA GLN B 78 -18.53 -1.14 12.88
C GLN B 78 -18.97 -2.47 12.28
N SER B 79 -18.10 -3.11 11.52
CA SER B 79 -18.41 -4.44 11.03
C SER B 79 -18.27 -5.50 12.14
N ILE B 80 -17.62 -5.15 13.25
CA ILE B 80 -17.57 -6.00 14.46
C ILE B 80 -18.70 -5.60 15.43
N ASN B 81 -18.89 -4.30 15.60
CA ASN B 81 -19.98 -3.79 16.42
C ASN B 81 -20.47 -2.45 15.90
N PRO B 82 -21.66 -2.44 15.31
CA PRO B 82 -22.11 -1.20 14.67
C PRO B 82 -22.37 -0.06 15.67
N GLU B 83 -22.36 -0.36 16.95
CA GLU B 83 -22.56 0.66 17.94
C GLU B 83 -21.28 1.44 18.22
N VAL B 84 -20.15 0.91 17.77
CA VAL B 84 -18.85 1.50 18.07
C VAL B 84 -18.42 2.56 17.06
N THR B 85 -18.05 3.74 17.55
CA THR B 85 -17.42 4.77 16.72
C THR B 85 -16.03 5.03 17.26
N LEU B 86 -15.28 5.86 16.55
CA LEU B 86 -13.94 6.22 16.92
C LEU B 86 -13.95 7.48 17.78
N PRO B 87 -13.58 7.35 19.07
CA PRO B 87 -13.45 8.47 20.01
C PRO B 87 -12.20 9.32 19.69
N TYR B 88 -12.08 10.51 20.27
CA TYR B 88 -10.86 11.32 20.12
C TYR B 88 -10.21 11.61 21.45
N TRP B 89 -8.87 11.64 21.44
CA TRP B 89 -8.07 12.04 22.59
C TRP B 89 -7.80 13.51 22.48
N GLU B 90 -8.51 14.30 23.31
CA GLU B 90 -8.34 15.74 23.35
C GLU B 90 -7.12 16.09 24.19
N TRP B 91 -5.91 15.91 23.64
CA TRP B 91 -4.66 16.03 24.38
C TRP B 91 -4.36 17.41 24.94
N GLU B 92 -5.00 18.43 24.41
CA GLU B 92 -4.67 19.75 24.83
C GLU B 92 -5.23 20.00 26.23
N THR B 93 -6.26 19.25 26.60
CA THR B 93 -6.81 19.29 27.94
C THR B 93 -5.96 18.49 28.93
N ASP B 94 -5.39 17.38 28.49
CA ASP B 94 -4.48 16.61 29.33
C ASP B 94 -3.18 17.37 29.64
N ALA B 95 -2.77 18.25 28.72
CA ALA B 95 -1.52 19.01 28.85
C ALA B 95 -1.48 19.93 30.09
N GLN B 96 -2.64 20.29 30.60
CA GLN B 96 -2.73 21.16 31.77
C GLN B 96 -2.28 20.40 33.00
N MET B 97 -2.68 19.13 33.06
CA MET B 97 -2.35 18.28 34.19
C MET B 97 -0.89 18.35 34.64
N GLN B 98 -0.73 18.33 35.96
CA GLN B 98 0.60 18.28 36.53
C GLN B 98 1.26 17.01 36.01
N ASP B 99 0.54 15.89 36.06
CA ASP B 99 1.04 14.64 35.52
C ASP B 99 0.03 14.06 34.52
N PRO B 100 0.29 14.24 33.24
CA PRO B 100 -0.65 13.78 32.22
C PRO B 100 -0.78 12.26 32.16
N SER B 101 0.19 11.56 32.70
CA SER B 101 0.09 10.12 32.76
C SER B 101 -1.11 9.63 33.59
N GLN B 102 -1.76 10.57 34.25
CA GLN B 102 -2.89 10.23 35.08
C GLN B 102 -4.22 10.48 34.44
N SER B 103 -4.21 10.80 33.17
CA SER B 103 -5.48 10.91 32.43
C SER B 103 -6.20 9.58 32.43
N GLN B 104 -7.52 9.61 32.28
CA GLN B 104 -8.27 8.38 32.21
C GLN B 104 -7.96 7.59 30.92
N ILE B 105 -7.54 8.28 29.88
CA ILE B 105 -7.16 7.62 28.66
C ILE B 105 -6.20 6.53 28.98
N TRP B 106 -5.39 6.74 29.99
CA TRP B 106 -4.30 5.82 30.32
C TRP B 106 -4.68 4.73 31.33
N SER B 107 -5.96 4.63 31.66
CA SER B 107 -6.46 3.61 32.57
C SER B 107 -6.33 2.18 32.08
N ALA B 108 -6.33 1.24 33.00
CA ALA B 108 -6.13 -0.17 32.68
C ALA B 108 -7.33 -0.76 31.95
N ASP B 109 -8.44 -0.05 31.92
CA ASP B 109 -9.60 -0.52 31.18
C ASP B 109 -9.64 0.02 29.77
N PHE B 110 -8.73 0.92 29.45
CA PHE B 110 -8.73 1.56 28.13
C PHE B 110 -7.44 1.49 27.29
N MET B 111 -6.47 2.38 27.51
CA MET B 111 -5.31 2.45 26.63
C MET B 111 -4.11 1.83 27.36
N GLY B 112 -4.26 1.60 28.66
CA GLY B 112 -3.14 1.16 29.47
C GLY B 112 -2.20 2.31 29.77
N GLY B 113 -1.21 2.05 30.64
CA GLY B 113 -0.33 3.11 31.12
C GLY B 113 0.92 3.39 30.31
N ASN B 114 1.84 4.13 30.91
CA ASN B 114 3.13 4.45 30.33
C ASN B 114 4.10 3.29 30.37
N GLY B 115 5.16 3.36 29.57
CA GLY B 115 6.14 2.30 29.57
C GLY B 115 6.73 2.06 30.95
N ASN B 116 7.23 0.87 31.18
CA ASN B 116 7.92 0.55 32.43
C ASN B 116 9.43 0.71 32.29
N PRO B 117 10.01 1.68 33.00
CA PRO B 117 11.42 2.00 32.79
C PRO B 117 12.32 0.86 33.15
N ILE B 118 11.92 0.07 34.12
CA ILE B 118 12.77 -0.98 34.62
C ILE B 118 12.96 -2.02 33.57
N LYS B 119 12.05 -2.00 32.60
CA LYS B 119 12.01 -3.01 31.56
C LYS B 119 11.94 -2.46 30.15
N ASP B 120 12.94 -1.67 29.79
CA ASP B 120 13.05 -1.08 28.46
C ASP B 120 11.84 -0.30 28.02
N PHE B 121 11.06 0.15 28.99
CA PHE B 121 9.91 1.00 28.73
C PHE B 121 8.75 0.32 28.01
N ILE B 122 8.57 -0.95 28.28
CA ILE B 122 7.48 -1.72 27.70
C ILE B 122 6.21 -1.57 28.53
N VAL B 123 5.10 -1.30 27.86
CA VAL B 123 3.79 -1.22 28.51
C VAL B 123 3.41 -2.55 29.13
N ASP B 124 3.12 -2.53 30.43
CA ASP B 124 2.78 -3.75 31.14
C ASP B 124 1.45 -3.65 31.84
N THR B 125 0.66 -2.67 31.47
CA THR B 125 -0.67 -2.53 32.01
C THR B 125 -1.63 -2.20 30.87
N GLY B 126 -2.84 -2.73 30.94
CA GLY B 126 -3.84 -2.47 29.93
C GLY B 126 -3.96 -3.61 28.94
N PRO B 127 -4.99 -3.57 28.10
CA PRO B 127 -5.31 -4.58 27.07
C PRO B 127 -4.25 -4.67 25.98
N PHE B 128 -3.29 -3.75 25.98
CA PHE B 128 -2.32 -3.69 24.90
C PHE B 128 -0.90 -3.92 25.43
N ALA B 129 -0.86 -4.30 26.70
CA ALA B 129 0.39 -4.64 27.38
C ALA B 129 1.08 -5.77 26.65
N ALA B 130 2.39 -5.84 26.82
CA ALA B 130 3.19 -6.93 26.26
C ALA B 130 2.62 -8.29 26.68
N GLY B 131 2.56 -9.21 25.73
CA GLY B 131 1.96 -10.52 25.95
C GLY B 131 0.49 -10.58 25.57
N ARG B 132 -0.13 -9.43 25.46
CA ARG B 132 -1.54 -9.35 25.17
C ARG B 132 -1.73 -8.81 23.77
N TRP B 133 -0.64 -8.46 23.10
CA TRP B 133 -0.69 -7.62 21.90
C TRP B 133 0.73 -7.69 21.39
N THR B 134 0.87 -7.84 20.08
CA THR B 134 2.16 -8.07 19.46
C THR B 134 2.37 -6.99 18.40
N THR B 135 3.53 -6.36 18.41
CA THR B 135 3.82 -5.31 17.47
C THR B 135 4.50 -5.83 16.22
N ILE B 136 4.71 -4.97 15.26
CA ILE B 136 5.27 -5.35 13.98
C ILE B 136 6.18 -4.28 13.44
N ASP B 137 7.36 -4.68 13.00
CA ASP B 137 8.40 -3.77 12.57
C ASP B 137 8.18 -3.18 11.21
N GLU B 138 9.12 -2.38 10.76
CA GLU B 138 9.02 -1.75 9.48
C GLU B 138 9.05 -2.79 8.41
N GLN B 139 9.64 -3.94 8.74
CA GLN B 139 9.87 -4.98 7.75
C GLN B 139 8.70 -5.91 7.56
N GLY B 140 7.68 -5.75 8.39
CA GLY B 140 6.50 -6.60 8.29
C GLY B 140 6.60 -7.81 9.19
N ASN B 141 7.58 -7.81 10.08
CA ASN B 141 7.76 -8.93 10.98
C ASN B 141 7.58 -8.61 12.45
N PRO B 142 7.13 -9.60 13.23
CA PRO B 142 6.88 -9.49 14.65
C PRO B 142 8.02 -8.79 15.39
N SER B 143 7.68 -7.86 16.28
CA SER B 143 8.67 -6.99 16.90
C SER B 143 8.55 -6.84 18.39
N GLY B 144 8.00 -7.83 19.06
CA GLY B 144 7.87 -7.77 20.50
C GLY B 144 6.64 -6.99 20.92
N GLY B 145 6.71 -6.34 22.08
CA GLY B 145 5.55 -5.66 22.63
C GLY B 145 5.60 -4.14 22.55
N LEU B 146 4.47 -3.53 22.90
CA LEU B 146 4.33 -2.07 22.87
C LEU B 146 5.24 -1.33 23.85
N LYS B 147 5.58 -0.11 23.49
CA LYS B 147 6.46 0.73 24.29
C LYS B 147 5.97 2.17 24.29
N ARG B 148 6.07 2.82 25.43
CA ARG B 148 5.74 4.24 25.55
C ARG B 148 6.71 4.84 26.54
N ASN B 149 6.96 6.13 26.45
CA ASN B 149 7.82 6.82 27.41
C ASN B 149 7.49 8.28 27.42
N PHE B 150 6.46 8.61 28.17
CA PHE B 150 5.88 9.93 28.07
C PHE B 150 6.90 11.02 28.33
N GLY B 151 7.03 11.99 27.41
CA GLY B 151 7.78 13.22 27.63
C GLY B 151 9.26 13.01 27.87
N ALA B 152 9.76 11.85 27.48
CA ALA B 152 11.16 11.48 27.72
C ALA B 152 12.14 12.24 26.82
N THR B 153 11.66 13.16 25.99
CA THR B 153 12.60 13.92 25.18
C THR B 153 12.48 15.37 25.43
N LYS B 154 13.57 16.05 25.21
CA LYS B 154 13.66 17.46 25.51
C LYS B 154 13.09 18.24 24.37
N GLU B 155 12.87 17.60 23.24
CA GLU B 155 12.27 18.33 22.12
C GLU B 155 10.80 18.38 22.29
N ALA B 156 10.29 17.40 22.99
CA ALA B 156 8.84 17.33 23.27
C ALA B 156 8.56 16.74 24.65
N PRO B 157 8.90 17.49 25.71
CA PRO B 157 8.67 17.03 27.08
C PRO B 157 7.25 17.27 27.53
N THR B 158 6.49 17.98 26.73
CA THR B 158 5.13 18.31 27.06
C THR B 158 4.14 18.16 25.88
N LEU B 159 2.86 18.06 26.22
CA LEU B 159 1.79 17.95 25.25
C LEU B 159 1.30 19.30 24.80
N PRO B 160 1.04 19.46 23.52
CA PRO B 160 0.51 20.73 23.02
C PRO B 160 -0.64 21.20 23.89
N THR B 161 -0.92 22.50 23.85
CA THR B 161 -1.86 23.15 24.74
C THR B 161 -3.19 23.45 24.02
N ARG B 162 -3.98 24.33 24.62
CA ARG B 162 -5.17 24.89 24.06
CA ARG B 162 -5.16 24.84 23.95
C ARG B 162 -4.78 26.10 23.16
N ASP B 163 -3.74 26.78 23.60
CA ASP B 163 -3.26 27.98 22.94
C ASP B 163 -2.60 27.63 21.63
N ASP B 164 -1.80 26.57 21.63
CA ASP B 164 -1.22 26.04 20.39
C ASP B 164 -2.33 25.78 19.39
N VAL B 165 -3.35 25.02 19.79
CA VAL B 165 -4.47 24.74 18.91
C VAL B 165 -5.15 26.02 18.43
N LEU B 166 -5.35 26.97 19.37
CA LEU B 166 -5.99 28.24 19.02
C LEU B 166 -5.19 29.07 18.02
N ASN B 167 -3.88 29.01 18.15
CA ASN B 167 -3.03 29.72 17.25
C ASN B 167 -3.24 29.17 15.85
N ALA B 168 -3.20 27.87 15.73
CA ALA B 168 -3.38 27.17 14.46
C ALA B 168 -4.69 27.53 13.77
N LEU B 169 -5.78 27.60 14.53
CA LEU B 169 -7.10 27.87 13.98
C LEU B 169 -7.28 29.25 13.39
N LYS B 170 -6.51 30.22 13.89
CA LYS B 170 -6.49 31.57 13.34
C LYS B 170 -6.00 31.66 11.89
N ILE B 171 -5.20 30.71 11.48
CA ILE B 171 -4.55 30.74 10.17
C ILE B 171 -5.54 30.66 9.03
N THR B 172 -5.31 31.46 8.01
CA THR B 172 -6.25 31.67 6.96
C THR B 172 -6.17 30.67 5.81
N GLN B 173 -4.97 30.29 5.40
CA GLN B 173 -4.81 29.38 4.27
C GLN B 173 -4.62 27.92 4.69
N TYR B 174 -5.33 27.05 4.02
CA TYR B 174 -5.22 25.63 4.32
C TYR B 174 -3.76 25.20 4.24
N ASP B 175 -3.08 25.67 3.20
CA ASP B 175 -1.68 25.34 3.00
C ASP B 175 -1.15 26.29 1.94
N THR B 176 0.17 26.40 1.87
CA THR B 176 0.81 27.27 0.90
C THR B 176 2.00 26.58 0.27
N PRO B 177 2.36 26.98 -0.95
CA PRO B 177 3.51 26.36 -1.62
C PRO B 177 4.81 26.68 -0.90
N PRO B 178 5.82 25.79 -1.02
CA PRO B 178 5.78 24.56 -1.82
C PRO B 178 5.07 23.30 -1.25
N TRP B 179 4.04 23.51 -0.44
CA TRP B 179 3.23 22.39 0.03
C TRP B 179 4.14 21.33 0.64
N ASP B 180 5.05 21.76 1.51
CA ASP B 180 5.87 20.83 2.26
C ASP B 180 6.12 21.41 3.64
N MET B 181 7.14 20.90 4.33
CA MET B 181 7.41 21.35 5.70
C MET B 181 7.77 22.82 5.80
N THR B 182 8.21 23.41 4.70
CA THR B 182 8.71 24.78 4.75
C THR B 182 7.58 25.76 4.46
N SER B 183 6.38 25.25 4.25
CA SER B 183 5.21 26.10 4.05
C SER B 183 5.05 27.06 5.22
N GLN B 184 4.64 28.28 4.95
CA GLN B 184 4.43 29.27 5.99
C GLN B 184 3.02 29.77 5.93
N ASN B 185 2.53 30.30 7.04
CA ASN B 185 1.17 30.74 7.12
C ASN B 185 0.18 29.69 6.59
N SER B 186 0.39 28.44 7.00
CA SER B 186 -0.40 27.32 6.51
C SER B 186 -0.97 26.49 7.66
N PHE B 187 -2.30 26.36 7.69
CA PHE B 187 -2.98 25.57 8.72
C PHE B 187 -2.41 24.18 8.79
N ARG B 188 -2.27 23.56 7.63
CA ARG B 188 -1.79 22.20 7.51
C ARG B 188 -0.42 22.02 8.11
N ASN B 189 0.51 22.88 7.76
CA ASN B 189 1.87 22.73 8.26
C ASN B 189 1.93 22.98 9.76
N GLN B 190 1.09 23.89 10.20
CA GLN B 190 1.14 24.27 11.59
C GLN B 190 0.57 23.14 12.44
N LEU B 191 -0.58 22.64 12.03
CA LEU B 191 -1.22 21.54 12.70
C LEU B 191 -0.37 20.29 12.70
N GLU B 192 0.17 19.94 11.53
CA GLU B 192 1.02 18.77 11.43
C GLU B 192 2.19 18.97 12.37
N GLY B 193 2.65 20.21 12.48
CA GLY B 193 3.57 20.57 13.55
C GLY B 193 4.99 20.95 13.18
N PHE B 194 5.20 21.50 11.98
CA PHE B 194 6.55 21.80 11.49
C PHE B 194 6.97 23.27 11.59
N ILE B 195 6.05 24.12 12.01
CA ILE B 195 6.29 25.55 12.12
C ILE B 195 6.69 25.88 13.54
N ASN B 196 7.95 26.27 13.72
CA ASN B 196 8.48 26.47 15.05
C ASN B 196 8.11 25.25 15.88
N GLY B 197 8.39 24.08 15.33
CA GLY B 197 8.07 22.82 15.99
C GLY B 197 9.30 22.19 16.61
N PRO B 198 9.21 20.91 16.94
CA PRO B 198 7.99 20.12 16.71
C PRO B 198 6.82 20.45 17.65
N GLN B 199 5.67 20.79 17.06
CA GLN B 199 4.48 21.14 17.82
C GLN B 199 3.20 20.46 17.33
N LEU B 200 2.20 20.41 18.19
CA LEU B 200 0.88 19.86 17.85
C LEU B 200 0.99 18.37 17.46
N HIS B 201 0.61 18.02 16.23
CA HIS B 201 0.60 16.60 15.82
C HIS B 201 1.94 15.89 15.99
N ASN B 202 3.00 16.48 15.45
CA ASN B 202 4.32 15.90 15.62
C ASN B 202 4.67 15.83 17.11
N ARG B 203 4.44 16.91 17.83
CA ARG B 203 4.85 16.95 19.23
C ARG B 203 4.24 15.77 20.00
N VAL B 204 2.96 15.51 19.75
CA VAL B 204 2.23 14.44 20.43
C VAL B 204 2.84 13.06 20.18
N HIS B 205 3.10 12.76 18.90
CA HIS B 205 3.85 11.55 18.54
C HIS B 205 5.13 11.43 19.37
N ARG B 206 5.89 12.52 19.47
CA ARG B 206 7.13 12.45 20.19
C ARG B 206 6.94 12.34 21.69
N TRP B 207 5.91 13.00 22.21
CA TRP B 207 5.59 12.92 23.62
C TRP B 207 5.33 11.48 24.06
N VAL B 208 4.54 10.74 23.28
CA VAL B 208 4.14 9.40 23.68
C VAL B 208 5.33 8.45 23.68
N GLY B 209 6.11 8.50 22.61
CA GLY B 209 7.33 7.74 22.54
C GLY B 209 7.07 6.32 22.07
N GLY B 210 8.06 5.45 22.25
CA GLY B 210 7.93 4.10 21.72
C GLY B 210 7.54 4.15 20.25
N GLN B 211 6.77 3.16 19.81
CA GLN B 211 6.42 3.05 18.39
C GLN B 211 5.74 4.31 17.83
N MET B 212 5.03 5.03 18.70
CA MET B 212 4.31 6.25 18.31
C MET B 212 5.28 7.34 17.88
N GLY B 213 6.52 7.22 18.34
CA GLY B 213 7.56 8.19 18.04
C GLY B 213 8.12 8.15 16.63
N VAL B 214 8.02 7.01 15.93
CA VAL B 214 8.45 6.91 14.53
C VAL B 214 7.37 6.54 13.50
N VAL B 215 7.35 7.26 12.39
CA VAL B 215 6.33 7.12 11.36
C VAL B 215 5.95 5.69 10.99
N PRO B 216 6.95 4.90 10.61
CA PRO B 216 6.64 3.56 10.08
C PRO B 216 6.01 2.62 11.11
N THR B 217 6.23 2.88 12.40
CA THR B 217 5.69 2.00 13.42
C THR B 217 4.58 2.60 14.27
N ALA B 218 4.28 3.88 14.08
CA ALA B 218 3.36 4.55 15.01
C ALA B 218 2.02 3.80 15.20
N PRO B 219 1.44 3.28 14.12
CA PRO B 219 0.10 2.70 14.31
C PRO B 219 0.01 1.38 15.10
N ASN B 220 1.13 0.84 15.56
CA ASN B 220 1.10 -0.32 16.45
C ASN B 220 0.40 0.01 17.78
N ASP B 221 0.39 1.30 18.12
CA ASP B 221 -0.30 1.79 19.31
C ASP B 221 -1.67 2.27 18.91
N PRO B 222 -2.71 1.66 19.51
CA PRO B 222 -4.10 2.00 19.21
C PRO B 222 -4.42 3.46 19.56
N VAL B 223 -3.60 4.07 20.41
CA VAL B 223 -3.74 5.48 20.72
C VAL B 223 -3.50 6.38 19.53
N PHE B 224 -2.76 5.87 18.56
CA PHE B 224 -2.54 6.56 17.28
C PHE B 224 -3.86 7.00 16.65
N PHE B 225 -4.88 6.17 16.80
CA PHE B 225 -6.16 6.45 16.20
C PHE B 225 -6.98 7.46 16.99
N LEU B 226 -6.80 7.48 18.29
CA LEU B 226 -7.46 8.44 19.15
C LEU B 226 -6.89 9.82 18.97
N HIS B 227 -5.57 9.86 18.79
CA HIS B 227 -4.84 11.10 18.57
C HIS B 227 -5.24 11.71 17.23
N HIS B 228 -5.28 10.87 16.19
CA HIS B 228 -5.65 11.34 14.86
C HIS B 228 -7.11 11.77 14.70
N ALA B 229 -8.01 11.14 15.47
CA ALA B 229 -9.38 11.60 15.55
C ALA B 229 -9.38 13.03 16.11
N ASN B 230 -8.46 13.31 17.04
CA ASN B 230 -8.35 14.67 17.57
C ASN B 230 -7.83 15.68 16.54
N VAL B 231 -6.86 15.25 15.75
CA VAL B 231 -6.32 16.07 14.67
C VAL B 231 -7.41 16.37 13.65
N ASP B 232 -8.19 15.33 13.34
CA ASP B 232 -9.25 15.45 12.35
C ASP B 232 -10.38 16.36 12.83
N ARG B 233 -10.69 16.28 14.13
CA ARG B 233 -11.66 17.17 14.71
C ARG B 233 -11.21 18.64 14.60
N ILE B 234 -9.93 18.89 14.89
CA ILE B 234 -9.41 20.25 14.80
C ILE B 234 -9.51 20.78 13.36
N TRP B 235 -9.22 19.92 12.39
CA TRP B 235 -9.37 20.28 10.98
C TRP B 235 -10.82 20.57 10.66
N ALA B 236 -11.70 19.70 11.15
CA ALA B 236 -13.13 19.88 10.90
C ALA B 236 -13.60 21.23 11.49
N VAL B 237 -13.06 21.60 12.64
CA VAL B 237 -13.32 22.90 13.26
C VAL B 237 -12.86 24.04 12.38
N TRP B 238 -11.65 23.90 11.86
CA TRP B 238 -11.05 24.95 11.01
C TRP B 238 -11.86 25.16 9.73
N GLN B 239 -12.38 24.07 9.16
CA GLN B 239 -13.22 24.16 7.96
C GLN B 239 -14.52 24.94 8.23
N ILE B 240 -15.07 24.83 9.43
CA ILE B 240 -16.28 25.59 9.80
C ILE B 240 -15.96 27.06 10.04
N ILE B 241 -14.98 27.31 10.91
CA ILE B 241 -14.55 28.67 11.19
C ILE B 241 -14.20 29.40 9.88
N HIS B 242 -13.46 28.72 9.02
CA HIS B 242 -13.09 29.27 7.72
C HIS B 242 -13.96 28.69 6.62
N ARG B 243 -15.25 29.01 6.67
CA ARG B 243 -16.22 28.48 5.70
C ARG B 243 -16.04 29.05 4.29
N ASN B 244 -15.12 30.00 4.14
CA ASN B 244 -14.85 30.59 2.84
C ASN B 244 -13.54 30.12 2.22
N GLN B 245 -12.87 29.17 2.86
CA GLN B 245 -11.61 28.67 2.35
C GLN B 245 -11.68 27.22 1.99
N ASN B 246 -10.93 26.82 0.97
CA ASN B 246 -10.89 25.40 0.61
C ASN B 246 -9.47 24.81 0.62
N TYR B 247 -9.41 23.52 0.29
CA TYR B 247 -8.17 22.76 0.28
C TYR B 247 -7.17 23.27 -0.74
N GLN B 248 -5.89 23.08 -0.46
CA GLN B 248 -4.83 23.46 -1.38
C GLN B 248 -3.70 22.44 -1.33
N PRO B 249 -3.09 22.14 -2.50
CA PRO B 249 -3.35 22.81 -3.79
C PRO B 249 -4.50 22.19 -4.61
N MET B 250 -5.22 23.04 -5.34
CA MET B 250 -6.29 22.61 -6.25
C MET B 250 -5.72 22.02 -7.54
N LYS B 251 -4.55 22.49 -7.93
CA LYS B 251 -3.87 22.02 -9.12
C LYS B 251 -2.41 22.44 -9.15
N ASN B 252 -1.58 21.72 -9.90
CA ASN B 252 -0.17 22.09 -10.07
C ASN B 252 0.73 21.82 -8.86
N GLY B 253 0.18 21.16 -7.86
CA GLY B 253 0.99 20.60 -6.79
C GLY B 253 1.52 19.28 -7.29
N PRO B 254 2.47 18.69 -6.56
CA PRO B 254 2.96 17.36 -6.93
C PRO B 254 1.80 16.38 -6.99
N PHE B 255 1.90 15.43 -7.92
CA PHE B 255 0.85 14.43 -8.09
C PHE B 255 0.67 13.61 -6.82
N GLY B 256 -0.57 13.51 -6.37
CA GLY B 256 -0.89 12.88 -5.10
C GLY B 256 -1.19 13.89 -4.00
N GLN B 257 -0.88 15.16 -4.26
CA GLN B 257 -1.13 16.23 -3.29
C GLN B 257 -2.32 17.11 -3.71
N ASN B 258 -2.70 17.03 -4.99
CA ASN B 258 -3.74 17.90 -5.53
C ASN B 258 -5.15 17.46 -5.11
N PHE B 259 -6.11 18.39 -5.21
CA PHE B 259 -7.50 18.18 -4.80
C PHE B 259 -8.14 16.90 -5.37
N ARG B 260 -7.92 16.61 -6.63
CA ARG B 260 -8.52 15.44 -7.22
C ARG B 260 -7.54 14.34 -7.62
N ASP B 261 -6.39 14.30 -7.00
CA ASP B 261 -5.43 13.22 -7.17
C ASP B 261 -5.79 12.06 -6.26
N PRO B 262 -5.57 10.83 -6.72
CA PRO B 262 -5.74 9.71 -5.79
C PRO B 262 -4.67 9.80 -4.69
N MET B 263 -4.99 9.37 -3.47
CA MET B 263 -4.04 9.35 -2.38
C MET B 263 -3.51 7.93 -2.19
N TYR B 264 -2.28 7.68 -2.63
CA TYR B 264 -1.66 6.37 -2.43
C TYR B 264 -1.78 6.05 -0.93
N PRO B 265 -2.13 4.81 -0.57
CA PRO B 265 -2.31 3.62 -1.41
C PRO B 265 -3.75 3.37 -1.90
N TRP B 266 -4.63 4.37 -1.85
CA TRP B 266 -5.99 4.16 -2.34
C TRP B 266 -6.24 4.97 -3.60
N ASN B 267 -7.47 4.92 -4.09
CA ASN B 267 -7.91 5.76 -5.20
C ASN B 267 -8.64 7.02 -4.69
N THR B 268 -8.84 7.09 -3.37
CA THR B 268 -9.59 8.19 -2.75
C THR B 268 -8.89 9.53 -2.93
N THR B 269 -9.65 10.56 -3.29
CA THR B 269 -9.06 11.88 -3.46
C THR B 269 -9.40 12.78 -2.27
N PRO B 270 -8.60 13.84 -2.04
CA PRO B 270 -8.92 14.78 -0.96
C PRO B 270 -10.37 15.26 -1.09
N GLU B 271 -10.79 15.56 -2.31
CA GLU B 271 -12.15 15.99 -2.58
C GLU B 271 -13.17 15.03 -1.97
N ASP B 272 -12.89 13.73 -2.08
CA ASP B 272 -13.82 12.71 -1.59
C ASP B 272 -14.10 12.82 -0.09
N VAL B 273 -13.16 13.42 0.66
CA VAL B 273 -13.31 13.46 2.11
C VAL B 273 -13.29 14.87 2.72
N MET B 274 -13.45 15.89 1.88
CA MET B 274 -13.40 17.28 2.33
C MET B 274 -14.48 17.65 3.34
N ASN B 275 -15.65 17.06 3.20
CA ASN B 275 -16.75 17.30 4.11
C ASN B 275 -17.06 16.10 4.98
N HIS B 276 -16.60 16.12 6.22
CA HIS B 276 -16.68 14.95 7.09
C HIS B 276 -18.13 14.53 7.39
N ARG B 277 -19.04 15.50 7.40
CA ARG B 277 -20.46 15.23 7.61
C ARG B 277 -21.01 14.28 6.55
N LYS B 278 -20.72 14.55 5.28
CA LYS B 278 -21.15 13.64 4.23
C LYS B 278 -20.52 12.27 4.30
N LEU B 279 -19.53 12.09 5.14
CA LEU B 279 -18.94 10.77 5.34
C LEU B 279 -19.68 10.00 6.42
N GLY B 280 -20.77 10.56 6.92
CA GLY B 280 -21.60 9.90 7.90
C GLY B 280 -21.20 10.02 9.36
N TYR B 281 -20.45 11.07 9.72
CA TYR B 281 -20.08 11.25 11.12
C TYR B 281 -19.88 12.72 11.53
N VAL B 282 -20.05 12.98 12.82
CA VAL B 282 -19.68 14.26 13.42
C VAL B 282 -19.03 14.03 14.79
N TYR B 283 -18.45 15.08 15.34
CA TYR B 283 -17.86 15.04 16.67
C TYR B 283 -18.85 15.63 17.66
N ASP B 284 -18.83 15.16 18.89
CA ASP B 284 -19.84 15.56 19.87
C ASP B 284 -19.98 17.07 20.04
N ILE B 285 -19.01 17.83 19.54
CA ILE B 285 -19.04 19.29 19.65
C ILE B 285 -19.89 19.99 18.59
N GLU B 286 -20.08 19.34 17.43
CA GLU B 286 -20.78 19.97 16.31
C GLU B 286 -22.30 19.98 16.46
N LEU B 287 -22.77 19.53 17.62
CA LEU B 287 -24.17 19.42 17.97
C LEU B 287 -24.99 20.51 17.28
#